data_4ZL1
#
_entry.id   4ZL1
#
_cell.length_a   91.319
_cell.length_b   91.319
_cell.length_c   122.824
_cell.angle_alpha   90.00
_cell.angle_beta   90.00
_cell.angle_gamma   120.00
#
_symmetry.space_group_name_H-M   'P 32 2 1'
#
loop_
_entity.id
_entity.type
_entity.pdbx_description
1 polymer 'Dihydroorotate dehydrogenase (quinone), mitochondrial'
2 non-polymer 'OROTIC ACID'
3 non-polymer 'FLAVIN MONONUCLEOTIDE'
4 non-polymer 'methyl (2Z)-cyano[3-(3-fluorobiphenyl-4-yl)-4-oxo-1,3-thiazolidin-2-ylidene]acetate'
5 non-polymer 'SULFATE ION'
6 water water
#
_entity_poly.entity_id   1
_entity_poly.type   'polypeptide(L)'
_entity_poly.pdbx_seq_one_letter_code
;MGHHHHHHHHHHSSGHIDDDDKHMATGDERFYAEHLMPTLQGLLDPESAHRLAVRFTSLGLLPRARFQDSDMLEVRVLGH
KFRNPVGIAAGFDKHGEAVDGLYKMGFGFVEIGSVTPKPQEGNPRPRVFRLPEDQAVINRYGFNSHGLSVVEHRLRARQQ
KQAKLTEDGLPLGVNLGKNKTSVDAAEDYAEGVRVLGPLADYLVVNVSSPNTAGLRSLQGKAELRRLLTKVLQERDGLRR
VHRPAVLVKIAPDLTSQDKEDIASVVKELGIDGLIVTNTTVSRPAGLQGALRSETGGLSGKPLRDLSTQTIREMYALTQG
RVPIIGVGGVSSGQDALEKIRAGASLVQLYTALTFWGPPVVGKVKRELEALLKEQGFGGVTDAIGADHRR
;
_entity_poly.pdbx_strand_id   A
#
loop_
_chem_comp.id
_chem_comp.type
_chem_comp.name
_chem_comp.formula
18X non-polymer 'methyl (2Z)-cyano[3-(3-fluorobiphenyl-4-yl)-4-oxo-1,3-thiazolidin-2-ylidene]acetate' 'C19 H13 F N2 O3 S'
FMN non-polymer 'FLAVIN MONONUCLEOTIDE' 'C17 H21 N4 O9 P'
ORO non-polymer 'OROTIC ACID' 'C5 H4 N2 O4'
SO4 non-polymer 'SULFATE ION' 'O4 S -2'
#
# COMPACT_ATOMS: atom_id res chain seq x y z
N THR A 26 -8.07 -17.82 16.53
CA THR A 26 -9.28 -17.29 17.21
C THR A 26 -10.64 -17.65 16.56
N GLY A 27 -11.67 -17.53 17.40
CA GLY A 27 -13.06 -17.67 17.00
C GLY A 27 -13.52 -16.50 16.11
N ASP A 28 -13.02 -15.28 16.37
CA ASP A 28 -13.27 -14.14 15.45
C ASP A 28 -12.72 -14.49 14.06
N GLU A 29 -11.46 -14.95 13.96
CA GLU A 29 -10.91 -15.27 12.59
C GLU A 29 -11.86 -16.19 11.80
N ARG A 30 -12.32 -17.28 12.46
CA ARG A 30 -13.20 -18.25 11.81
C ARG A 30 -14.62 -17.65 11.50
N PHE A 31 -15.15 -16.89 12.45
CA PHE A 31 -16.51 -16.33 12.29
C PHE A 31 -16.53 -15.40 11.07
N TYR A 32 -15.55 -14.49 11.04
CA TYR A 32 -15.44 -13.54 9.88
C TYR A 32 -15.23 -14.27 8.57
N ALA A 33 -14.32 -15.24 8.60
CA ALA A 33 -13.90 -15.94 7.40
C ALA A 33 -15.01 -16.82 6.85
N GLU A 34 -15.77 -17.47 7.74
CA GLU A 34 -16.76 -18.50 7.32
C GLU A 34 -18.21 -17.97 7.33
N HIS A 35 -18.53 -16.96 8.16
CA HIS A 35 -19.92 -16.47 8.21
C HIS A 35 -20.11 -15.02 7.78
N LEU A 36 -19.46 -14.09 8.46
CA LEU A 36 -19.76 -12.70 8.21
C LEU A 36 -19.37 -12.25 6.78
N MET A 37 -18.11 -12.51 6.40
CA MET A 37 -17.66 -11.97 5.09
C MET A 37 -18.37 -12.66 3.92
N PRO A 38 -18.55 -14.00 3.99
CA PRO A 38 -19.38 -14.55 2.92
C PRO A 38 -20.80 -13.98 2.87
N THR A 39 -21.35 -13.63 4.01
CA THR A 39 -22.72 -13.14 4.03
C THR A 39 -22.79 -11.76 3.46
N LEU A 40 -21.84 -10.88 3.85
CA LEU A 40 -21.78 -9.57 3.23
C LEU A 40 -21.55 -9.66 1.73
N GLN A 41 -20.65 -10.56 1.29
CA GLN A 41 -20.36 -10.76 -0.15
C GLN A 41 -21.63 -11.24 -0.88
N GLY A 42 -22.41 -12.06 -0.21
CA GLY A 42 -23.61 -12.59 -0.82
C GLY A 42 -24.66 -11.53 -0.91
N LEU A 43 -24.65 -10.56 -0.01
CA LEU A 43 -25.72 -9.58 -0.01
C LEU A 43 -25.43 -8.32 -0.82
N LEU A 44 -24.16 -7.99 -1.02
CA LEU A 44 -23.79 -6.67 -1.52
C LEU A 44 -22.79 -6.79 -2.67
N ASP A 45 -22.90 -5.90 -3.65
CA ASP A 45 -21.91 -5.81 -4.72
C ASP A 45 -20.60 -5.29 -4.08
N PRO A 46 -19.45 -5.49 -4.73
CA PRO A 46 -18.21 -5.19 -3.99
C PRO A 46 -17.99 -3.72 -3.71
N GLU A 47 -18.41 -2.84 -4.57
CA GLU A 47 -18.23 -1.40 -4.24
C GLU A 47 -19.11 -0.96 -3.01
N SER A 48 -20.38 -1.39 -3.02
CA SER A 48 -21.23 -1.18 -1.81
C SER A 48 -20.63 -1.74 -0.57
N ALA A 49 -20.09 -2.95 -0.63
CA ALA A 49 -19.50 -3.56 0.49
C ALA A 49 -18.29 -2.70 1.01
N HIS A 50 -17.49 -2.23 0.05
CA HIS A 50 -16.29 -1.39 0.40
C HIS A 50 -16.76 -0.08 1.10
N ARG A 51 -17.79 0.54 0.54
CA ARG A 51 -18.27 1.81 1.11
C ARG A 51 -18.75 1.58 2.53
N LEU A 52 -19.42 0.48 2.74
CA LEU A 52 -19.93 0.13 4.10
C LEU A 52 -18.77 -0.20 5.02
N ALA A 53 -17.74 -0.92 4.51
CA ALA A 53 -16.56 -1.16 5.29
C ALA A 53 -15.80 0.13 5.71
N VAL A 54 -15.69 1.11 4.83
CA VAL A 54 -15.05 2.39 5.17
C VAL A 54 -15.82 3.07 6.29
N ARG A 55 -17.13 3.01 6.15
CA ARG A 55 -18.00 3.64 7.16
C ARG A 55 -17.87 2.99 8.49
N PHE A 56 -17.99 1.66 8.55
CA PHE A 56 -17.84 0.94 9.79
C PHE A 56 -16.49 1.19 10.40
N THR A 57 -15.45 1.16 9.55
CA THR A 57 -14.14 1.29 10.08
C THR A 57 -14.01 2.71 10.67
N SER A 58 -14.44 3.71 9.92
CA SER A 58 -14.34 5.10 10.34
C SER A 58 -14.96 5.35 11.71
N LEU A 59 -16.02 4.63 12.00
CA LEU A 59 -16.67 4.63 13.34
C LEU A 59 -16.09 3.68 14.40
N GLY A 60 -15.03 2.96 14.08
CA GLY A 60 -14.47 2.01 15.02
C GLY A 60 -15.38 0.77 15.31
N LEU A 61 -16.30 0.43 14.44
CA LEU A 61 -17.19 -0.72 14.63
C LEU A 61 -16.50 -1.99 14.12
N LEU A 62 -15.58 -2.43 14.94
CA LEU A 62 -14.66 -3.50 14.53
C LEU A 62 -14.50 -4.49 15.68
N PRO A 63 -14.05 -5.74 15.38
CA PRO A 63 -13.82 -6.72 16.44
C PRO A 63 -12.65 -6.30 17.37
N ARG A 64 -11.81 -5.35 16.96
CA ARG A 64 -10.80 -4.81 17.92
C ARG A 64 -9.77 -5.91 18.29
N ALA A 65 -8.52 -5.48 18.33
CA ALA A 65 -7.45 -6.41 18.18
C ALA A 65 -6.98 -6.81 19.56
N ARG A 66 -7.19 -8.07 19.86
CA ARG A 66 -6.61 -8.67 21.07
C ARG A 66 -5.08 -8.78 20.94
N PHE A 67 -4.57 -8.95 19.73
CA PHE A 67 -3.12 -9.15 19.49
C PHE A 67 -2.32 -7.94 19.98
N GLN A 68 -1.39 -8.16 20.90
CA GLN A 68 -0.54 -7.08 21.43
C GLN A 68 0.78 -7.21 20.71
N ASP A 69 1.18 -6.15 20.03
CA ASP A 69 2.41 -6.20 19.24
C ASP A 69 3.66 -6.41 20.16
N SER A 70 4.51 -7.37 19.82
CA SER A 70 5.73 -7.55 20.62
C SER A 70 6.79 -6.73 20.07
N ASP A 71 7.81 -6.54 20.89
CA ASP A 71 9.01 -5.90 20.46
C ASP A 71 9.67 -6.45 19.17
N MET A 72 9.51 -7.74 18.92
CA MET A 72 10.20 -8.29 17.79
C MET A 72 9.57 -7.84 16.43
N LEU A 73 8.37 -7.22 16.48
CA LEU A 73 7.71 -6.76 15.28
C LEU A 73 8.06 -5.32 14.93
N GLU A 74 8.69 -4.61 15.87
CA GLU A 74 9.07 -3.23 15.61
C GLU A 74 10.17 -3.08 14.58
N VAL A 75 10.00 -2.13 13.68
CA VAL A 75 10.95 -1.81 12.66
C VAL A 75 11.21 -0.35 12.63
N ARG A 76 12.47 0.03 12.45
CA ARG A 76 12.84 1.38 12.23
C ARG A 76 13.33 1.62 10.85
N VAL A 77 12.59 2.41 10.11
CA VAL A 77 12.95 2.73 8.74
C VAL A 77 12.27 4.02 8.28
N LEU A 78 12.72 4.61 7.18
CA LEU A 78 12.09 5.85 6.65
C LEU A 78 12.06 7.00 7.67
N GLY A 79 12.95 6.98 8.66
CA GLY A 79 12.99 8.05 9.70
C GLY A 79 11.94 7.91 10.77
N HIS A 80 11.29 6.74 10.81
CA HIS A 80 10.31 6.43 11.81
C HIS A 80 10.47 4.99 12.49
N LYS A 81 9.82 4.91 13.63
CA LYS A 81 9.48 3.73 14.30
C LYS A 81 8.12 3.22 13.81
N PHE A 82 8.08 1.91 13.51
CA PHE A 82 6.81 1.24 13.16
C PHE A 82 6.61 0.16 14.17
N ARG A 83 5.50 0.19 14.89
CA ARG A 83 5.26 -0.71 15.97
C ARG A 83 5.15 -2.16 15.45
N ASN A 84 4.57 -2.30 14.25
CA ASN A 84 4.56 -3.64 13.55
C ASN A 84 4.65 -3.33 12.05
N PRO A 85 5.04 -4.33 11.24
CA PRO A 85 5.44 -4.03 9.89
C PRO A 85 4.26 -4.22 8.94
N VAL A 86 3.03 -4.34 9.43
CA VAL A 86 1.88 -4.66 8.49
C VAL A 86 0.98 -3.44 8.36
N GLY A 87 0.94 -2.85 7.15
CA GLY A 87 0.21 -1.65 6.81
C GLY A 87 -0.98 -1.95 5.95
N ILE A 88 -1.93 -1.05 5.92
CA ILE A 88 -3.00 -1.07 4.95
C ILE A 88 -2.55 -0.39 3.68
N ALA A 89 -2.62 -1.11 2.54
CA ALA A 89 -2.25 -0.56 1.27
C ALA A 89 -3.17 0.55 0.80
N ALA A 90 -2.67 1.42 -0.06
CA ALA A 90 -3.45 2.41 -0.70
C ALA A 90 -4.65 1.82 -1.46
N GLY A 91 -5.74 2.60 -1.44
CA GLY A 91 -7.00 2.25 -2.13
C GLY A 91 -8.15 1.90 -1.24
N PHE A 92 -7.86 1.50 -0.05
CA PHE A 92 -8.90 1.18 0.89
C PHE A 92 -9.47 2.47 1.42
N ASP A 93 -8.59 3.32 1.91
CA ASP A 93 -9.05 4.64 2.46
C ASP A 93 -8.49 5.72 1.50
N LYS A 94 -9.14 5.90 0.39
CA LYS A 94 -8.65 6.81 -0.67
C LYS A 94 -8.65 8.29 -0.19
N HIS A 95 -9.61 8.61 0.68
CA HIS A 95 -9.86 10.01 0.99
C HIS A 95 -9.52 10.38 2.44
N GLY A 96 -8.84 9.51 3.15
CA GLY A 96 -8.44 9.77 4.51
C GLY A 96 -9.55 9.85 5.54
N GLU A 97 -10.57 9.02 5.39
CA GLU A 97 -11.75 9.01 6.29
C GLU A 97 -11.72 8.03 7.43
N ALA A 98 -10.80 7.07 7.41
CA ALA A 98 -10.87 5.88 8.29
C ALA A 98 -9.55 5.60 8.98
N VAL A 99 -8.67 6.62 9.08
CA VAL A 99 -7.30 6.39 9.50
C VAL A 99 -7.30 5.82 10.92
N ASP A 100 -8.06 6.46 11.84
CA ASP A 100 -8.02 6.02 13.21
C ASP A 100 -8.52 4.61 13.42
N GLY A 101 -9.58 4.30 12.72
CA GLY A 101 -10.18 2.97 12.70
C GLY A 101 -9.21 1.94 12.20
N LEU A 102 -8.38 2.29 11.21
CA LEU A 102 -7.40 1.35 10.67
C LEU A 102 -6.30 1.08 11.65
N TYR A 103 -5.86 2.09 12.43
CA TYR A 103 -4.95 1.73 13.50
C TYR A 103 -5.60 0.81 14.55
N LYS A 104 -6.88 1.05 14.81
CA LYS A 104 -7.58 0.24 15.81
C LYS A 104 -7.67 -1.19 15.34
N MET A 105 -7.69 -1.37 14.04
CA MET A 105 -7.72 -2.73 13.48
C MET A 105 -6.41 -3.45 13.65
N GLY A 106 -5.34 -2.76 13.98
CA GLY A 106 -4.05 -3.36 14.30
C GLY A 106 -2.94 -3.12 13.29
N PHE A 107 -3.22 -2.30 12.27
CA PHE A 107 -2.18 -1.92 11.30
C PHE A 107 -1.12 -1.09 11.94
N GLY A 108 0.11 -1.41 11.67
CA GLY A 108 1.24 -0.64 12.16
C GLY A 108 1.49 0.68 11.51
N PHE A 109 0.90 0.85 10.36
CA PHE A 109 0.97 2.09 9.61
C PHE A 109 -0.16 2.12 8.61
N VAL A 110 -0.59 3.34 8.27
CA VAL A 110 -1.74 3.52 7.34
C VAL A 110 -1.30 4.31 6.18
N GLU A 111 -1.65 3.89 4.94
CA GLU A 111 -1.44 4.74 3.77
C GLU A 111 -2.79 5.09 3.19
N ILE A 112 -3.05 6.38 2.97
CA ILE A 112 -4.24 6.83 2.32
C ILE A 112 -4.00 7.21 0.91
N GLY A 113 -5.06 7.30 0.12
CA GLY A 113 -4.94 7.68 -1.28
C GLY A 113 -5.23 6.49 -2.18
N SER A 114 -5.00 6.67 -3.46
CA SER A 114 -4.37 7.84 -4.05
C SER A 114 -5.26 9.05 -4.11
N VAL A 115 -4.67 10.23 -3.80
CA VAL A 115 -5.35 11.51 -3.87
C VAL A 115 -4.90 12.31 -5.10
N THR A 116 -5.88 12.84 -5.88
CA THR A 116 -5.57 13.61 -7.03
C THR A 116 -5.70 15.12 -6.69
N PRO A 117 -5.10 15.99 -7.50
CA PRO A 117 -5.19 17.44 -7.15
C PRO A 117 -6.61 18.00 -7.04
N LYS A 118 -7.37 17.82 -8.09
CA LYS A 118 -8.76 18.19 -8.14
C LYS A 118 -9.61 17.00 -7.86
N PRO A 119 -10.80 17.20 -7.31
CA PRO A 119 -11.73 16.05 -7.18
C PRO A 119 -12.06 15.45 -8.53
N GLN A 120 -12.28 14.16 -8.54
CA GLN A 120 -12.75 13.50 -9.75
C GLN A 120 -13.47 12.22 -9.41
N GLU A 121 -14.39 11.86 -10.27
CA GLU A 121 -15.32 10.82 -9.93
C GLU A 121 -14.77 9.38 -10.22
N GLY A 122 -13.81 9.29 -11.07
CA GLY A 122 -13.31 7.96 -11.54
C GLY A 122 -14.23 7.34 -12.57
N ASN A 123 -14.07 6.02 -12.78
CA ASN A 123 -14.85 5.37 -13.87
C ASN A 123 -16.26 5.09 -13.49
N PRO A 124 -17.14 4.84 -14.49
CA PRO A 124 -18.51 4.42 -14.16
C PRO A 124 -18.61 3.05 -13.52
N ARG A 125 -19.62 2.83 -12.75
CA ARG A 125 -19.89 1.59 -12.07
C ARG A 125 -20.67 0.61 -12.94
N PRO A 126 -20.40 -0.71 -12.83
CA PRO A 126 -19.48 -1.36 -11.89
C PRO A 126 -18.04 -1.22 -12.35
N ARG A 127 -17.13 -1.11 -11.37
CA ARG A 127 -15.74 -0.84 -11.64
C ARG A 127 -14.83 -1.65 -10.66
N VAL A 128 -15.35 -2.65 -9.98
CA VAL A 128 -14.57 -3.53 -9.15
C VAL A 128 -15.32 -4.82 -9.09
N PHE A 129 -14.58 -5.95 -9.11
CA PHE A 129 -15.14 -7.26 -9.33
C PHE A 129 -14.43 -8.27 -8.48
N ARG A 130 -15.19 -9.17 -7.88
CA ARG A 130 -14.62 -10.22 -7.04
C ARG A 130 -14.40 -11.49 -7.83
N LEU A 131 -13.30 -12.16 -7.53
CA LEU A 131 -12.95 -13.48 -8.13
C LEU A 131 -12.74 -14.40 -6.95
N PRO A 132 -13.84 -14.84 -6.37
CA PRO A 132 -13.72 -15.58 -5.13
C PRO A 132 -12.94 -16.94 -5.25
N GLU A 133 -13.10 -17.61 -6.35
CA GLU A 133 -12.46 -18.92 -6.59
C GLU A 133 -10.93 -18.71 -6.68
N ASP A 134 -10.49 -17.47 -6.88
CA ASP A 134 -9.07 -17.17 -7.02
C ASP A 134 -8.52 -16.34 -5.80
N GLN A 135 -9.37 -16.00 -4.86
CA GLN A 135 -9.04 -15.10 -3.75
C GLN A 135 -8.43 -13.84 -4.32
N ALA A 136 -9.10 -13.33 -5.37
CA ALA A 136 -8.58 -12.15 -6.10
C ALA A 136 -9.69 -11.15 -6.33
N VAL A 137 -9.28 -9.91 -6.66
CA VAL A 137 -10.16 -8.83 -7.12
C VAL A 137 -9.59 -8.22 -8.34
N ILE A 138 -10.45 -7.74 -9.23
CA ILE A 138 -10.03 -6.89 -10.29
C ILE A 138 -10.75 -5.52 -10.10
N ASN A 139 -9.98 -4.43 -10.19
CA ASN A 139 -10.53 -3.09 -10.12
C ASN A 139 -10.07 -2.15 -11.20
N ARG A 140 -11.04 -1.26 -11.55
CA ARG A 140 -10.73 -0.19 -12.48
C ARG A 140 -11.41 1.08 -11.97
N TYR A 141 -11.15 1.47 -10.75
CA TYR A 141 -11.78 2.69 -10.16
C TYR A 141 -11.45 3.96 -10.92
N GLY A 142 -10.20 4.06 -11.36
CA GLY A 142 -9.75 5.18 -12.11
C GLY A 142 -9.51 6.46 -11.24
N PHE A 143 -8.95 6.29 -10.05
CA PHE A 143 -8.59 7.38 -9.15
C PHE A 143 -9.79 8.26 -8.81
N ASN A 144 -10.86 7.66 -8.36
CA ASN A 144 -11.90 8.40 -7.68
C ASN A 144 -11.29 9.09 -6.49
N SER A 145 -11.44 10.40 -6.38
CA SER A 145 -10.77 11.11 -5.31
C SER A 145 -11.54 12.41 -4.90
N HIS A 146 -11.63 12.61 -3.62
CA HIS A 146 -12.18 13.86 -3.06
C HIS A 146 -11.28 15.07 -3.39
N GLY A 147 -10.05 14.83 -3.80
CA GLY A 147 -9.09 15.87 -4.12
C GLY A 147 -8.30 16.40 -2.94
N LEU A 148 -7.22 17.10 -3.23
CA LEU A 148 -6.26 17.49 -2.23
C LEU A 148 -6.85 18.39 -1.14
N SER A 149 -7.64 19.37 -1.54
CA SER A 149 -8.12 20.35 -0.51
C SER A 149 -9.01 19.66 0.55
N VAL A 150 -9.94 18.79 0.11
CA VAL A 150 -10.80 18.03 1.01
C VAL A 150 -9.98 17.16 1.93
N VAL A 151 -8.99 16.42 1.39
CA VAL A 151 -8.19 15.54 2.19
C VAL A 151 -7.31 16.38 3.17
N GLU A 152 -6.78 17.54 2.70
CA GLU A 152 -5.93 18.41 3.53
C GLU A 152 -6.73 18.79 4.79
N HIS A 153 -7.97 19.23 4.60
CA HIS A 153 -8.72 19.73 5.76
C HIS A 153 -9.13 18.57 6.67
N ARG A 154 -9.39 17.42 6.10
CA ARG A 154 -9.71 16.25 6.90
C ARG A 154 -8.50 15.81 7.75
N LEU A 155 -7.28 15.80 7.18
CA LEU A 155 -6.13 15.50 7.98
C LEU A 155 -5.80 16.62 9.00
N ARG A 156 -5.99 17.87 8.61
CA ARG A 156 -5.72 18.96 9.56
C ARG A 156 -6.57 18.80 10.85
N ALA A 157 -7.79 18.27 10.70
CA ALA A 157 -8.77 18.18 11.87
C ALA A 157 -8.26 17.23 12.91
N ARG A 158 -7.30 16.34 12.50
CA ARG A 158 -6.73 15.34 13.40
C ARG A 158 -5.22 15.36 13.45
N GLN A 159 -4.65 16.51 13.06
CA GLN A 159 -3.23 16.62 12.87
C GLN A 159 -2.46 16.29 14.09
N GLN A 160 -2.92 16.78 15.27
CA GLN A 160 -2.10 16.53 16.44
C GLN A 160 -2.33 15.13 16.96
N LYS A 161 -3.52 14.62 16.80
CA LYS A 161 -3.76 13.25 17.17
C LYS A 161 -2.79 12.34 16.34
N GLN A 162 -2.64 12.67 15.07
CA GLN A 162 -1.63 11.89 14.20
C GLN A 162 -0.22 12.08 14.62
N ALA A 163 0.18 13.29 15.08
CA ALA A 163 1.52 13.49 15.55
C ALA A 163 1.83 12.60 16.70
N LYS A 164 0.88 12.41 17.62
CA LYS A 164 1.07 11.55 18.78
C LYS A 164 1.13 10.06 18.32
N LEU A 165 0.31 9.73 17.35
CA LEU A 165 0.31 8.33 16.80
C LEU A 165 1.66 8.04 16.18
N THR A 166 2.14 8.95 15.36
CA THR A 166 3.42 8.77 14.69
C THR A 166 4.53 8.58 15.75
N GLU A 167 4.50 9.48 16.74
CA GLU A 167 5.49 9.36 17.84
C GLU A 167 5.41 8.03 18.55
N ASP A 168 4.25 7.41 18.72
CA ASP A 168 4.07 6.15 19.37
C ASP A 168 4.33 4.98 18.42
N GLY A 169 4.83 5.25 17.21
CA GLY A 169 5.15 4.19 16.28
C GLY A 169 4.07 3.82 15.28
N LEU A 170 3.13 4.75 14.98
CA LEU A 170 2.04 4.47 14.07
C LEU A 170 2.00 5.53 12.97
N PRO A 171 2.91 5.43 11.97
CA PRO A 171 3.02 6.45 10.98
C PRO A 171 1.90 6.43 9.92
N LEU A 172 1.84 7.54 9.23
CA LEU A 172 0.89 7.88 8.18
C LEU A 172 1.59 8.16 6.84
N GLY A 173 1.15 7.44 5.80
CA GLY A 173 1.61 7.67 4.46
C GLY A 173 0.47 8.23 3.63
N VAL A 174 0.84 9.06 2.71
CA VAL A 174 -0.09 9.66 1.74
C VAL A 174 0.35 9.36 0.33
N ASN A 175 -0.53 8.72 -0.41
CA ASN A 175 -0.30 8.30 -1.76
C ASN A 175 -0.92 9.30 -2.78
N LEU A 176 -0.07 9.86 -3.66
CA LEU A 176 -0.41 10.96 -4.56
C LEU A 176 -0.63 10.40 -5.99
N GLY A 177 -1.71 10.76 -6.58
CA GLY A 177 -1.97 10.50 -7.97
C GLY A 177 -2.11 11.76 -8.81
N LYS A 178 -2.58 11.60 -10.04
CA LYS A 178 -2.64 12.63 -11.09
C LYS A 178 -4.13 12.64 -11.60
N ASN A 179 -4.61 13.79 -12.01
CA ASN A 179 -5.93 13.88 -12.58
C ASN A 179 -5.92 13.35 -14.00
N LYS A 180 -7.03 12.79 -14.33
CA LYS A 180 -7.25 12.19 -15.64
C LYS A 180 -6.91 13.22 -16.79
N THR A 181 -7.40 14.41 -16.68
CA THR A 181 -7.20 15.40 -17.77
C THR A 181 -6.02 16.35 -17.56
N SER A 182 -5.16 16.05 -16.60
CA SER A 182 -4.03 16.92 -16.30
C SER A 182 -3.14 17.05 -17.53
N VAL A 183 -2.70 18.28 -17.83
CA VAL A 183 -1.73 18.55 -18.92
C VAL A 183 -0.23 18.51 -18.51
N ASP A 184 0.09 18.21 -17.23
CA ASP A 184 1.46 18.16 -16.76
C ASP A 184 1.52 17.28 -15.51
N ALA A 185 1.91 16.04 -15.69
CA ALA A 185 1.82 15.07 -14.60
C ALA A 185 2.69 15.42 -13.40
N ALA A 186 3.91 15.79 -13.72
CA ALA A 186 4.81 16.17 -12.65
C ALA A 186 4.23 17.33 -11.83
N GLU A 187 3.57 18.31 -12.46
CA GLU A 187 3.04 19.40 -11.65
C GLU A 187 1.91 18.86 -10.70
N ASP A 188 1.10 17.90 -11.17
CA ASP A 188 0.05 17.26 -10.31
C ASP A 188 0.79 16.68 -9.06
N TYR A 189 1.89 15.93 -9.22
CA TYR A 189 2.55 15.40 -8.09
C TYR A 189 3.13 16.49 -7.21
N ALA A 190 3.73 17.50 -7.83
CA ALA A 190 4.35 18.58 -7.04
C ALA A 190 3.29 19.26 -6.15
N GLU A 191 2.10 19.49 -6.66
CA GLU A 191 1.01 20.15 -5.91
C GLU A 191 0.66 19.27 -4.76
N GLY A 192 0.62 17.95 -5.00
CA GLY A 192 0.39 17.00 -3.87
C GLY A 192 1.40 17.02 -2.77
N VAL A 193 2.66 17.10 -3.17
CA VAL A 193 3.73 17.27 -2.19
C VAL A 193 3.49 18.53 -1.35
N ARG A 194 3.24 19.66 -2.00
CA ARG A 194 3.08 20.93 -1.26
C ARG A 194 1.86 20.90 -0.33
N VAL A 195 0.81 20.27 -0.76
CA VAL A 195 -0.44 20.32 0.03
C VAL A 195 -0.52 19.29 1.11
N LEU A 196 -0.22 18.05 0.82
CA LEU A 196 -0.25 16.96 1.78
C LEU A 196 1.06 16.50 2.37
N GLY A 197 2.17 16.88 1.73
CA GLY A 197 3.43 16.58 2.33
C GLY A 197 3.64 16.96 3.79
N PRO A 198 3.17 18.18 4.15
CA PRO A 198 3.29 18.67 5.52
C PRO A 198 2.51 17.94 6.55
N LEU A 199 1.64 17.03 6.09
CA LEU A 199 0.75 16.27 6.97
C LEU A 199 1.09 14.76 6.96
N ALA A 200 2.16 14.36 6.25
CA ALA A 200 2.42 12.94 6.04
C ALA A 200 3.75 12.60 6.60
N ASP A 201 3.93 11.36 7.07
CA ASP A 201 5.22 10.85 7.38
C ASP A 201 5.97 10.41 6.15
N TYR A 202 5.26 9.87 5.14
CA TYR A 202 5.84 9.57 3.85
C TYR A 202 4.84 9.84 2.80
N LEU A 203 5.34 10.19 1.62
CA LEU A 203 4.58 10.39 0.44
C LEU A 203 4.89 9.21 -0.54
N VAL A 204 3.95 8.88 -1.39
CA VAL A 204 4.11 7.93 -2.49
C VAL A 204 3.79 8.52 -3.85
N VAL A 205 4.71 8.46 -4.80
CA VAL A 205 4.48 8.78 -6.14
C VAL A 205 4.15 7.49 -6.80
N ASN A 206 2.88 7.41 -7.07
CA ASN A 206 2.29 6.34 -7.62
C ASN A 206 2.30 6.43 -9.03
N VAL A 207 3.29 5.86 -9.72
CA VAL A 207 3.25 5.97 -11.12
C VAL A 207 2.85 4.59 -11.79
N SER A 208 2.04 3.78 -11.11
CA SER A 208 1.81 2.36 -11.51
C SER A 208 0.36 1.95 -11.50
N SER A 209 -0.61 2.89 -11.34
CA SER A 209 -2.00 2.44 -11.55
C SER A 209 -2.18 1.95 -12.94
N PRO A 210 -2.82 0.80 -13.10
CA PRO A 210 -3.09 0.37 -14.49
C PRO A 210 -4.27 1.09 -15.16
N ASN A 211 -4.94 1.95 -14.39
CA ASN A 211 -6.28 2.53 -14.71
C ASN A 211 -6.28 4.00 -15.00
N THR A 212 -5.11 4.55 -15.26
CA THR A 212 -5.04 5.93 -15.78
C THR A 212 -4.07 5.91 -16.97
N ALA A 213 -4.59 6.36 -18.13
CA ALA A 213 -3.88 6.31 -19.44
C ALA A 213 -2.56 7.08 -19.40
N GLY A 214 -1.49 6.46 -19.92
CA GLY A 214 -0.15 7.07 -19.91
C GLY A 214 0.54 7.03 -18.55
N LEU A 215 -0.17 6.74 -17.44
CA LEU A 215 0.51 6.88 -16.11
C LEU A 215 1.78 6.02 -15.96
N ARG A 216 1.66 4.76 -16.38
CA ARG A 216 2.75 3.80 -16.20
C ARG A 216 4.01 4.11 -17.03
N SER A 217 3.83 4.87 -18.14
CA SER A 217 4.96 5.48 -18.87
C SER A 217 5.82 6.39 -18.03
N LEU A 218 5.26 6.94 -16.94
CA LEU A 218 6.08 7.79 -16.03
C LEU A 218 7.23 6.99 -15.37
N GLN A 219 7.11 5.65 -15.42
CA GLN A 219 8.13 4.70 -14.90
C GLN A 219 9.40 4.60 -15.83
N GLY A 220 9.34 5.05 -17.08
CA GLY A 220 10.55 5.08 -17.96
C GLY A 220 11.61 6.09 -17.50
N LYS A 221 12.86 5.95 -18.02
CA LYS A 221 14.05 6.64 -17.40
C LYS A 221 14.15 8.16 -17.31
N ALA A 222 14.20 8.82 -18.46
CA ALA A 222 14.55 10.25 -18.56
C ALA A 222 13.47 11.08 -17.88
N GLU A 223 12.27 10.55 -17.99
CA GLU A 223 11.09 11.14 -17.53
C GLU A 223 10.76 10.74 -16.09
N LEU A 224 11.14 9.54 -15.61
CA LEU A 224 11.11 9.28 -14.25
C LEU A 224 12.10 10.25 -13.58
N ARG A 225 13.29 10.43 -14.13
CA ARG A 225 14.31 11.22 -13.42
C ARG A 225 13.81 12.71 -13.33
N ARG A 226 13.25 13.21 -14.41
CA ARG A 226 12.68 14.57 -14.49
C ARG A 226 11.56 14.74 -13.46
N LEU A 227 10.63 13.81 -13.47
CA LEU A 227 9.50 13.80 -12.52
C LEU A 227 9.97 13.75 -11.08
N LEU A 228 10.84 12.80 -10.72
CA LEU A 228 11.23 12.63 -9.36
C LEU A 228 12.12 13.80 -8.91
N THR A 229 12.93 14.34 -9.81
CA THR A 229 13.74 15.56 -9.39
C THR A 229 12.82 16.71 -8.96
N LYS A 230 11.76 16.93 -9.69
CA LYS A 230 10.78 17.95 -9.39
C LYS A 230 10.07 17.67 -8.05
N VAL A 231 9.64 16.41 -7.85
CA VAL A 231 9.03 16.03 -6.58
C VAL A 231 9.94 16.20 -5.39
N LEU A 232 11.19 15.74 -5.49
CA LEU A 232 12.11 15.90 -4.42
C LEU A 232 12.44 17.40 -4.12
N GLN A 233 12.59 18.19 -5.15
CA GLN A 233 12.87 19.61 -4.96
C GLN A 233 11.67 20.23 -4.11
N GLU A 234 10.45 19.89 -4.44
CA GLU A 234 9.27 20.42 -3.66
C GLU A 234 9.31 19.90 -2.26
N ARG A 235 9.64 18.60 -2.02
CA ARG A 235 9.72 18.07 -0.72
C ARG A 235 10.78 18.71 0.11
N ASP A 236 11.93 18.96 -0.53
CA ASP A 236 13.04 19.55 0.19
C ASP A 236 12.75 21.04 0.59
N GLY A 237 11.85 21.68 -0.15
CA GLY A 237 11.41 23.02 0.13
C GLY A 237 10.43 23.12 1.32
N LEU A 238 10.01 22.00 1.92
CA LEU A 238 9.18 22.04 3.13
C LEU A 238 10.00 22.24 4.37
N ARG A 239 9.39 22.91 5.38
CA ARG A 239 10.02 23.03 6.68
C ARG A 239 10.33 21.69 7.32
N ARG A 240 11.48 21.65 7.99
CA ARG A 240 12.05 20.38 8.47
C ARG A 240 11.09 19.46 9.18
N VAL A 241 10.30 19.97 10.13
CA VAL A 241 9.34 19.06 10.80
C VAL A 241 8.19 18.58 9.96
N HIS A 242 8.00 19.21 8.82
CA HIS A 242 6.96 18.83 7.92
C HIS A 242 7.47 18.22 6.64
N ARG A 243 8.65 17.64 6.68
CA ARG A 243 9.28 17.17 5.43
C ARG A 243 9.24 15.59 5.43
N PRO A 244 8.42 15.03 4.55
CA PRO A 244 8.20 13.58 4.54
C PRO A 244 9.26 12.85 3.69
N ALA A 245 9.41 11.54 3.97
CA ALA A 245 10.10 10.64 3.03
C ALA A 245 9.29 10.53 1.76
N VAL A 246 9.94 10.28 0.62
CA VAL A 246 9.27 10.12 -0.64
C VAL A 246 9.64 8.70 -1.18
N LEU A 247 8.60 7.95 -1.48
CA LEU A 247 8.72 6.61 -2.09
C LEU A 247 8.08 6.57 -3.45
N VAL A 248 8.54 5.64 -4.31
CA VAL A 248 7.99 5.44 -5.63
C VAL A 248 7.29 4.04 -5.63
N LYS A 249 6.01 3.99 -6.04
CA LYS A 249 5.27 2.74 -6.10
C LYS A 249 5.27 2.25 -7.57
N ILE A 250 5.67 0.99 -7.76
CA ILE A 250 5.84 0.45 -9.06
C ILE A 250 4.97 -0.73 -9.31
N ALA A 251 4.76 -0.92 -10.59
CA ALA A 251 3.99 -2.07 -11.06
C ALA A 251 4.75 -3.40 -11.00
N PRO A 252 3.98 -4.53 -11.07
CA PRO A 252 4.56 -5.81 -11.13
C PRO A 252 4.85 -6.23 -12.59
N ASP A 253 4.53 -5.40 -13.53
CA ASP A 253 4.56 -5.78 -14.97
C ASP A 253 5.75 -5.16 -15.76
N LEU A 254 6.79 -4.79 -15.10
CA LEU A 254 7.78 -3.90 -15.69
C LEU A 254 8.72 -4.83 -16.43
N THR A 255 9.37 -4.36 -17.47
CA THR A 255 10.45 -5.16 -18.09
C THR A 255 11.71 -5.15 -17.19
N SER A 256 12.65 -6.06 -17.50
CA SER A 256 13.98 -6.03 -16.94
C SER A 256 14.58 -4.63 -17.12
N GLN A 257 14.42 -4.05 -18.27
CA GLN A 257 15.07 -2.75 -18.57
C GLN A 257 14.46 -1.64 -17.67
N ASP A 258 13.13 -1.73 -17.54
CA ASP A 258 12.39 -0.75 -16.70
C ASP A 258 12.88 -0.85 -15.28
N LYS A 259 13.06 -2.05 -14.74
CA LYS A 259 13.48 -2.25 -13.41
C LYS A 259 14.89 -1.74 -13.18
N GLU A 260 15.76 -2.08 -14.13
CA GLU A 260 17.15 -1.56 -14.04
C GLU A 260 17.21 -0.03 -14.05
N ASP A 261 16.39 0.57 -14.89
CA ASP A 261 16.29 2.07 -15.03
C ASP A 261 15.80 2.67 -13.74
N ILE A 262 14.66 2.13 -13.21
CA ILE A 262 14.21 2.60 -11.90
C ILE A 262 15.21 2.51 -10.78
N ALA A 263 15.90 1.38 -10.62
CA ALA A 263 16.89 1.23 -9.63
C ALA A 263 18.00 2.33 -9.74
N SER A 264 18.43 2.57 -10.95
CA SER A 264 19.52 3.52 -11.24
C SER A 264 19.08 4.97 -10.84
N VAL A 265 17.88 5.33 -11.22
CA VAL A 265 17.33 6.67 -10.87
C VAL A 265 17.11 6.85 -9.40
N VAL A 266 16.52 5.85 -8.73
CA VAL A 266 16.27 5.92 -7.35
C VAL A 266 17.56 6.11 -6.57
N LYS A 267 18.63 5.42 -7.00
CA LYS A 267 19.92 5.58 -6.30
C LYS A 267 20.55 6.92 -6.57
N GLU A 268 20.54 7.35 -7.79
CA GLU A 268 21.06 8.59 -8.24
C GLU A 268 20.38 9.80 -7.52
N LEU A 269 19.07 9.74 -7.31
CA LEU A 269 18.38 10.89 -6.67
C LEU A 269 18.23 10.74 -5.21
N GLY A 270 18.59 9.61 -4.59
CA GLY A 270 18.41 9.41 -3.19
C GLY A 270 16.91 9.30 -2.78
N ILE A 271 16.09 8.76 -3.67
CA ILE A 271 14.67 8.42 -3.26
C ILE A 271 14.72 7.60 -2.03
N ASP A 272 13.76 7.80 -1.12
CA ASP A 272 13.81 7.20 0.18
C ASP A 272 13.35 5.73 0.22
N GLY A 273 12.52 5.33 -0.75
CA GLY A 273 12.06 3.97 -0.74
C GLY A 273 11.20 3.65 -1.95
N LEU A 274 10.87 2.34 -2.05
CA LEU A 274 10.03 1.81 -3.10
C LEU A 274 8.85 1.04 -2.49
N ILE A 275 7.70 1.09 -3.17
CA ILE A 275 6.56 0.27 -2.80
C ILE A 275 6.31 -0.67 -3.99
N VAL A 276 6.35 -1.98 -3.68
CA VAL A 276 6.47 -2.99 -4.69
C VAL A 276 5.48 -4.08 -4.27
N THR A 277 4.28 -4.24 -4.87
CA THR A 277 3.84 -3.68 -6.09
C THR A 277 2.40 -3.22 -6.06
N ASN A 278 2.06 -2.46 -7.11
CA ASN A 278 0.64 -2.21 -7.45
C ASN A 278 0.04 -3.45 -8.05
N THR A 279 -1.18 -3.35 -8.54
CA THR A 279 -1.89 -4.48 -9.13
C THR A 279 -1.29 -4.81 -10.49
N THR A 280 -1.65 -6.00 -11.01
CA THR A 280 -1.12 -6.44 -12.31
C THR A 280 -2.19 -6.35 -13.42
N VAL A 281 -1.75 -5.91 -14.63
CA VAL A 281 -2.55 -5.96 -15.85
C VAL A 281 -2.46 -7.34 -16.48
N SER A 282 -1.60 -8.19 -15.94
CA SER A 282 -1.51 -9.55 -16.47
C SER A 282 -2.69 -10.41 -15.96
N ARG A 283 -2.96 -11.58 -16.57
CA ARG A 283 -3.99 -12.46 -16.08
C ARG A 283 -3.28 -13.84 -16.02
N PRO A 284 -2.67 -14.16 -14.89
CA PRO A 284 -1.91 -15.42 -14.79
C PRO A 284 -2.74 -16.56 -15.26
N ALA A 285 -2.08 -17.54 -15.90
CA ALA A 285 -2.84 -18.78 -16.25
C ALA A 285 -3.41 -19.40 -14.99
N GLY A 286 -4.63 -19.94 -15.10
CA GLY A 286 -5.28 -20.61 -14.05
C GLY A 286 -6.35 -19.89 -13.32
N LEU A 287 -6.57 -18.62 -13.60
CA LEU A 287 -7.70 -17.90 -12.98
C LEU A 287 -9.00 -18.60 -13.35
N GLN A 288 -9.81 -18.78 -12.34
CA GLN A 288 -11.12 -19.49 -12.50
C GLN A 288 -12.33 -18.54 -12.44
N GLY A 289 -12.20 -17.41 -11.79
CA GLY A 289 -13.36 -16.55 -11.66
C GLY A 289 -14.00 -16.22 -13.01
N ALA A 290 -15.33 -16.12 -12.97
CA ALA A 290 -16.08 -15.79 -14.13
C ALA A 290 -15.68 -14.40 -14.69
N LEU A 291 -15.23 -13.51 -13.81
CA LEU A 291 -14.98 -12.14 -14.15
C LEU A 291 -13.48 -11.86 -14.46
N ARG A 292 -12.72 -12.94 -14.72
CA ARG A 292 -11.26 -12.84 -14.94
C ARG A 292 -10.88 -11.91 -16.09
N SER A 293 -11.76 -11.72 -17.12
CA SER A 293 -11.42 -10.98 -18.29
C SER A 293 -11.99 -9.54 -18.23
N GLU A 294 -12.48 -9.14 -17.09
CA GLU A 294 -12.74 -7.69 -16.86
C GLU A 294 -11.46 -6.89 -16.94
N THR A 295 -11.52 -5.71 -17.55
CA THR A 295 -10.40 -4.74 -17.54
C THR A 295 -10.14 -4.24 -16.12
N GLY A 296 -8.83 -4.17 -15.80
CA GLY A 296 -8.44 -3.53 -14.59
C GLY A 296 -7.19 -4.18 -14.02
N GLY A 297 -6.83 -3.78 -12.83
CA GLY A 297 -5.72 -4.36 -12.10
C GLY A 297 -6.16 -5.50 -11.23
N LEU A 298 -5.41 -6.61 -11.28
CA LEU A 298 -5.68 -7.81 -10.46
C LEU A 298 -4.82 -7.79 -9.19
N SER A 299 -5.45 -8.07 -8.08
CA SER A 299 -4.86 -8.15 -6.75
C SER A 299 -5.16 -9.46 -6.08
N GLY A 300 -4.58 -9.69 -4.90
CA GLY A 300 -4.87 -10.91 -4.19
C GLY A 300 -3.91 -12.03 -4.52
N LYS A 301 -4.32 -13.29 -4.25
CA LYS A 301 -3.42 -14.40 -4.34
C LYS A 301 -2.69 -14.59 -5.64
N PRO A 302 -3.35 -14.39 -6.78
CA PRO A 302 -2.63 -14.59 -8.01
C PRO A 302 -1.51 -13.60 -8.31
N LEU A 303 -1.48 -12.48 -7.62
CA LEU A 303 -0.40 -11.47 -7.71
C LEU A 303 0.77 -11.80 -6.75
N ARG A 304 0.52 -12.60 -5.73
CA ARG A 304 1.41 -12.69 -4.64
C ARG A 304 2.89 -12.91 -5.05
N ASP A 305 3.14 -14.02 -5.77
CA ASP A 305 4.53 -14.33 -6.05
C ASP A 305 5.15 -13.50 -7.11
N LEU A 306 4.39 -12.98 -8.09
CA LEU A 306 4.92 -11.96 -8.96
C LEU A 306 5.42 -10.72 -8.25
N SER A 307 4.66 -10.26 -7.24
CA SER A 307 5.10 -9.14 -6.37
C SER A 307 6.37 -9.50 -5.56
N THR A 308 6.34 -10.63 -4.90
CA THR A 308 7.56 -11.14 -4.14
C THR A 308 8.81 -11.15 -5.00
N GLN A 309 8.68 -11.64 -6.20
CA GLN A 309 9.81 -11.68 -7.11
C GLN A 309 10.27 -10.31 -7.55
N THR A 310 9.39 -9.41 -7.71
CA THR A 310 9.66 -8.00 -7.99
C THR A 310 10.44 -7.35 -6.86
N ILE A 311 10.02 -7.61 -5.66
CA ILE A 311 10.77 -7.13 -4.49
C ILE A 311 12.17 -7.66 -4.52
N ARG A 312 12.28 -8.95 -4.81
CA ARG A 312 13.59 -9.61 -4.78
C ARG A 312 14.54 -8.95 -5.74
N GLU A 313 14.06 -8.67 -6.95
CA GLU A 313 14.87 -8.09 -8.01
C GLU A 313 15.22 -6.64 -7.63
N MET A 314 14.24 -5.89 -7.10
CA MET A 314 14.55 -4.49 -6.79
C MET A 314 15.53 -4.33 -5.61
N TYR A 315 15.45 -5.22 -4.63
CA TYR A 315 16.36 -5.25 -3.50
C TYR A 315 17.79 -5.50 -4.01
N ALA A 316 17.93 -6.47 -4.89
CA ALA A 316 19.29 -6.81 -5.47
C ALA A 316 19.79 -5.65 -6.29
N LEU A 317 18.96 -5.07 -7.15
CA LEU A 317 19.37 -3.97 -8.00
C LEU A 317 19.75 -2.71 -7.22
N THR A 318 19.22 -2.57 -6.03
CA THR A 318 19.54 -1.37 -5.14
C THR A 318 20.53 -1.67 -4.05
N GLN A 319 21.10 -2.92 -4.10
CA GLN A 319 22.06 -3.41 -3.11
C GLN A 319 21.60 -3.42 -1.76
N GLY A 320 20.30 -3.59 -1.58
CA GLY A 320 19.78 -3.59 -0.27
C GLY A 320 19.79 -2.24 0.50
N ARG A 321 20.03 -1.14 -0.16
CA ARG A 321 20.23 0.16 0.48
C ARG A 321 18.95 1.02 0.41
N VAL A 322 17.88 0.54 -0.26
CA VAL A 322 16.71 1.34 -0.45
C VAL A 322 15.53 0.57 0.16
N PRO A 323 14.92 1.08 1.22
CA PRO A 323 13.82 0.40 1.88
C PRO A 323 12.68 0.12 0.90
N ILE A 324 12.13 -1.08 1.04
CA ILE A 324 11.03 -1.55 0.21
C ILE A 324 9.86 -1.91 1.13
N ILE A 325 8.70 -1.39 0.73
CA ILE A 325 7.43 -1.78 1.31
C ILE A 325 6.83 -2.80 0.32
N GLY A 326 6.64 -4.01 0.81
CA GLY A 326 6.21 -5.12 -0.05
C GLY A 326 4.74 -5.32 0.03
N VAL A 327 4.09 -5.42 -1.14
CA VAL A 327 2.63 -5.51 -1.18
C VAL A 327 2.21 -6.35 -2.43
N GLY A 328 1.16 -7.15 -2.20
CA GLY A 328 0.52 -7.94 -3.24
C GLY A 328 0.33 -9.37 -2.78
N GLY A 329 -0.95 -9.70 -2.47
CA GLY A 329 -1.28 -11.06 -2.16
C GLY A 329 -0.88 -11.52 -0.78
N VAL A 330 -0.67 -10.61 0.18
CA VAL A 330 -0.34 -11.01 1.55
C VAL A 330 -1.62 -11.34 2.28
N SER A 331 -1.74 -12.58 2.73
CA SER A 331 -2.90 -12.97 3.55
C SER A 331 -2.51 -13.84 4.78
N SER A 332 -1.22 -14.08 5.04
CA SER A 332 -0.76 -14.83 6.11
C SER A 332 0.65 -14.40 6.53
N GLY A 333 1.03 -14.89 7.69
CA GLY A 333 2.36 -14.63 8.18
C GLY A 333 3.41 -15.18 7.21
N GLN A 334 3.21 -16.36 6.65
CA GLN A 334 4.16 -16.85 5.67
C GLN A 334 4.30 -15.86 4.48
N ASP A 335 3.17 -15.36 3.98
CA ASP A 335 3.26 -14.43 2.85
C ASP A 335 4.04 -13.19 3.22
N ALA A 336 3.83 -12.71 4.44
CA ALA A 336 4.52 -11.51 4.91
C ALA A 336 6.01 -11.77 4.98
N LEU A 337 6.35 -12.90 5.60
CA LEU A 337 7.77 -13.25 5.78
C LEU A 337 8.49 -13.53 4.50
N GLU A 338 7.79 -14.14 3.52
CA GLU A 338 8.43 -14.30 2.22
C GLU A 338 8.83 -12.95 1.63
N LYS A 339 7.97 -11.93 1.74
CA LYS A 339 8.31 -10.66 1.18
C LYS A 339 9.49 -10.01 1.98
N ILE A 340 9.43 -10.08 3.28
CA ILE A 340 10.50 -9.55 4.17
C ILE A 340 11.82 -10.22 3.84
N ARG A 341 11.83 -11.56 3.72
CA ARG A 341 13.09 -12.22 3.38
C ARG A 341 13.60 -11.92 1.99
N ALA A 342 12.71 -11.59 1.07
CA ALA A 342 13.04 -11.16 -0.26
C ALA A 342 13.59 -9.70 -0.35
N GLY A 343 13.39 -8.95 0.73
CA GLY A 343 13.93 -7.61 0.79
C GLY A 343 13.02 -6.58 1.36
N ALA A 344 11.76 -6.89 1.67
CA ALA A 344 10.89 -5.82 2.23
C ALA A 344 11.18 -5.53 3.69
N SER A 345 11.17 -4.22 4.07
CA SER A 345 11.24 -3.83 5.42
C SER A 345 9.91 -3.77 6.07
N LEU A 346 8.86 -3.54 5.27
CA LEU A 346 7.54 -3.46 5.77
C LEU A 346 6.65 -4.13 4.69
N VAL A 347 5.43 -4.52 5.06
CA VAL A 347 4.48 -5.04 4.07
C VAL A 347 3.12 -4.36 4.24
N GLN A 348 2.30 -4.43 3.19
CA GLN A 348 0.92 -3.99 3.23
C GLN A 348 0.01 -5.03 2.63
N LEU A 349 -1.27 -4.92 2.97
CA LEU A 349 -2.28 -5.80 2.41
C LEU A 349 -3.54 -4.96 2.21
N TYR A 350 -4.34 -5.40 1.25
CA TYR A 350 -5.70 -4.89 1.05
C TYR A 350 -6.63 -6.06 0.76
N THR A 351 -6.47 -6.70 -0.34
CA THR A 351 -7.46 -7.65 -0.82
C THR A 351 -7.80 -8.73 0.19
N ALA A 352 -6.84 -9.18 0.97
CA ALA A 352 -7.16 -10.17 1.98
C ALA A 352 -8.30 -9.78 2.91
N LEU A 353 -8.35 -8.51 3.23
CA LEU A 353 -9.51 -7.96 4.05
C LEU A 353 -10.83 -8.21 3.47
N THR A 354 -10.95 -8.09 2.15
CA THR A 354 -12.22 -8.29 1.52
C THR A 354 -12.78 -9.71 1.64
N PHE A 355 -11.87 -10.65 1.72
CA PHE A 355 -12.21 -12.01 1.93
C PHE A 355 -12.27 -12.44 3.41
N TRP A 356 -11.33 -12.03 4.30
CA TRP A 356 -11.22 -12.59 5.62
C TRP A 356 -11.70 -11.58 6.68
N GLY A 357 -11.85 -10.32 6.33
CA GLY A 357 -12.20 -9.26 7.23
C GLY A 357 -11.12 -8.89 8.20
N PRO A 358 -11.43 -7.98 9.08
CA PRO A 358 -10.50 -7.41 10.05
C PRO A 358 -9.63 -8.38 10.87
N PRO A 359 -10.13 -9.55 11.20
CA PRO A 359 -9.29 -10.43 11.98
C PRO A 359 -8.02 -10.90 11.27
N VAL A 360 -7.98 -10.79 9.94
CA VAL A 360 -6.81 -11.15 9.20
C VAL A 360 -5.56 -10.36 9.60
N VAL A 361 -5.69 -9.16 10.14
CA VAL A 361 -4.54 -8.35 10.44
C VAL A 361 -3.81 -9.01 11.62
N GLY A 362 -4.51 -9.33 12.70
CA GLY A 362 -3.88 -9.93 13.88
C GLY A 362 -3.35 -11.33 13.53
N LYS A 363 -4.02 -12.03 12.63
CA LYS A 363 -3.59 -13.34 12.14
C LYS A 363 -2.24 -13.26 11.49
N VAL A 364 -2.07 -12.34 10.58
CA VAL A 364 -0.78 -12.15 9.87
C VAL A 364 0.28 -11.84 10.89
N LYS A 365 0.00 -10.96 11.83
CA LYS A 365 1.01 -10.61 12.78
C LYS A 365 1.40 -11.77 13.70
N ARG A 366 0.39 -12.47 14.22
CA ARG A 366 0.67 -13.62 15.07
C ARG A 366 1.48 -14.68 14.33
N GLU A 367 1.11 -14.97 13.12
CA GLU A 367 1.84 -15.97 12.34
C GLU A 367 3.22 -15.53 12.00
N LEU A 368 3.41 -14.24 11.71
CA LEU A 368 4.71 -13.78 11.38
C LEU A 368 5.67 -13.89 12.56
N GLU A 369 5.19 -13.46 13.74
CA GLU A 369 5.96 -13.58 14.95
C GLU A 369 6.39 -15.07 15.18
N ALA A 370 5.48 -16.00 15.10
CA ALA A 370 5.77 -17.45 15.23
C ALA A 370 6.82 -17.92 14.26
N LEU A 371 6.70 -17.53 12.98
CA LEU A 371 7.68 -17.89 12.01
C LEU A 371 9.03 -17.30 12.24
N LEU A 372 9.09 -16.03 12.65
CA LEU A 372 10.40 -15.43 12.86
C LEU A 372 11.17 -16.25 13.94
N LYS A 373 10.47 -16.60 15.00
CA LYS A 373 11.08 -17.38 16.11
C LYS A 373 11.50 -18.75 15.61
N GLU A 374 10.64 -19.43 14.83
CA GLU A 374 10.98 -20.71 14.27
C GLU A 374 12.16 -20.68 13.38
N GLN A 375 12.37 -19.59 12.67
CA GLN A 375 13.46 -19.55 11.70
C GLN A 375 14.74 -18.86 12.26
N GLY A 376 14.73 -18.58 13.53
CA GLY A 376 15.91 -18.13 14.24
C GLY A 376 16.18 -16.64 14.12
N PHE A 377 15.17 -15.83 13.81
CA PHE A 377 15.39 -14.40 13.69
C PHE A 377 15.00 -13.75 14.97
N GLY A 378 15.82 -12.80 15.44
CA GLY A 378 15.51 -12.10 16.68
C GLY A 378 14.35 -11.12 16.52
N GLY A 379 14.14 -10.64 15.30
CA GLY A 379 12.95 -9.83 15.05
C GLY A 379 12.85 -9.65 13.55
N VAL A 380 11.88 -8.82 13.12
CA VAL A 380 11.70 -8.54 11.72
C VAL A 380 12.89 -8.00 11.12
N THR A 381 13.58 -7.06 11.82
CA THR A 381 14.71 -6.45 11.23
C THR A 381 15.80 -7.43 10.75
N ASP A 382 16.01 -8.45 11.51
CA ASP A 382 17.02 -9.49 11.20
C ASP A 382 16.66 -10.30 9.92
N ALA A 383 15.37 -10.38 9.62
CA ALA A 383 14.83 -11.16 8.47
C ALA A 383 14.88 -10.40 7.19
N ILE A 384 15.00 -9.05 7.23
CA ILE A 384 14.92 -8.27 6.02
C ILE A 384 16.01 -8.63 5.07
N GLY A 385 15.65 -9.07 3.90
CA GLY A 385 16.62 -9.45 2.87
C GLY A 385 17.40 -10.76 3.16
N ALA A 386 16.99 -11.55 4.13
CA ALA A 386 17.70 -12.79 4.54
C ALA A 386 17.93 -13.76 3.37
N ASP A 387 17.01 -13.81 2.35
CA ASP A 387 17.23 -14.77 1.28
C ASP A 387 18.46 -14.41 0.43
N HIS A 388 18.90 -13.15 0.42
CA HIS A 388 19.99 -12.71 -0.42
C HIS A 388 21.34 -13.02 0.25
N ARG A 389 21.31 -13.39 1.49
CA ARG A 389 22.53 -13.74 2.26
C ARG A 389 22.75 -15.29 2.38
N ARG A 390 21.82 -16.08 1.85
CA ARG A 390 21.89 -17.61 1.85
C ARG A 390 22.89 -18.21 0.82
N1 ORO B . -6.36 0.85 -8.85
C2 ORO B . -5.23 0.14 -8.64
O2 ORO B . -5.29 -1.10 -8.69
N3 ORO B . -4.08 0.82 -8.42
C4 ORO B . -4.04 2.16 -8.38
O4 ORO B . -2.92 2.72 -8.23
C5 ORO B . -5.24 2.88 -8.58
C6 ORO B . -6.40 2.18 -8.76
C7 ORO B . -7.65 2.88 -9.16
O71 ORO B . -7.99 3.98 -8.63
O72 ORO B . -8.24 2.38 -10.16
N1 FMN C . -2.82 1.48 -5.15
C2 FMN C . -2.49 2.80 -5.18
O2 FMN C . -1.26 3.09 -5.19
N3 FMN C . -3.50 3.74 -5.21
C4 FMN C . -4.77 3.48 -5.24
O4 FMN C . -5.66 4.43 -5.24
C4A FMN C . -5.21 2.09 -5.23
N5 FMN C . -6.50 1.73 -5.34
C5A FMN C . -6.82 0.43 -5.19
C6 FMN C . -8.16 0.00 -5.19
C7 FMN C . -8.51 -1.33 -5.05
C7M FMN C . -9.98 -1.72 -4.96
C8 FMN C . -7.48 -2.31 -4.93
C8M FMN C . -7.84 -3.81 -4.76
C9 FMN C . -6.16 -1.93 -4.96
C9A FMN C . -5.82 -0.60 -5.11
N10 FMN C . -4.44 -0.21 -5.10
C10 FMN C . -4.12 1.11 -5.15
C1' FMN C . -3.40 -1.20 -5.03
C2' FMN C . -3.11 -1.71 -3.65
O2' FMN C . -2.52 -0.66 -2.90
C3' FMN C . -2.09 -2.85 -3.65
O3' FMN C . -0.84 -2.39 -4.26
C4' FMN C . -2.55 -4.08 -4.50
O4' FMN C . -3.96 -4.25 -4.39
C5' FMN C . -1.81 -5.35 -4.04
O5' FMN C . -2.08 -5.65 -2.68
P FMN C . -3.24 -6.73 -2.27
O1P FMN C . -4.59 -6.07 -2.49
O2P FMN C . -3.03 -7.97 -3.10
O3P FMN C . -2.98 -7.02 -0.81
C1 18X D . -19.53 -4.99 9.14
C2 18X D . -20.99 -5.19 9.16
C3 18X D . -19.10 -4.55 8.01
N4 18X D . -18.76 -4.12 6.97
O5 18X D . -21.51 -5.70 10.16
O6 18X D . -21.79 -4.75 8.03
C7 18X D . -23.25 -4.75 8.08
C8 18X D . -18.85 -5.22 10.29
N9 18X D . -17.50 -5.11 10.41
C10 18X D . -16.97 -5.42 11.64
C11 18X D . -18.05 -5.65 12.74
S12 18X D . -19.55 -5.77 11.78
C13 18X D . -16.56 -4.84 9.37
C14 18X D . -15.76 -3.69 9.31
C15 18X D . -14.83 -3.62 8.22
C16 18X D . -14.66 -4.65 7.32
C17 18X D . -15.44 -5.76 7.33
C18 18X D . -16.36 -5.93 8.38
C19 18X D . -13.70 -4.52 6.22
C20 18X D . -13.95 -5.10 5.00
C21 18X D . -13.08 -4.90 3.91
C22 18X D . -11.93 -4.12 4.12
C23 18X D . -11.68 -3.53 5.39
C24 18X D . -12.58 -3.74 6.45
F25 18X D . -17.10 -7.08 8.41
O26 18X D . -15.71 -5.52 11.85
S SO4 E . -16.21 7.87 -3.59
O1 SO4 E . -15.38 8.53 -4.69
O2 SO4 E . -16.99 8.87 -2.75
O3 SO4 E . -17.14 6.85 -4.19
O4 SO4 E . -15.40 7.06 -2.59
S SO4 F . -0.64 19.06 23.65
O1 SO4 F . -0.21 19.32 22.24
O2 SO4 F . 0.56 19.41 24.46
O3 SO4 F . -1.87 19.86 24.14
O4 SO4 F . -1.06 17.60 23.68
S SO4 G . 16.75 22.39 7.80
O1 SO4 G . 18.01 23.18 7.77
O2 SO4 G . 16.03 22.70 9.03
O3 SO4 G . 15.91 22.78 6.65
O4 SO4 G . 17.08 20.95 7.61
S SO4 H . 6.73 24.36 12.11
O1 SO4 H . 7.52 23.55 12.96
O2 SO4 H . 6.65 25.80 12.54
O3 SO4 H . 5.35 23.79 12.07
O4 SO4 H . 7.22 24.14 10.75
#